data_3BAK
#
_entry.id   3BAK
#
_cell.length_a   52.439
_cell.length_b   68.977
_cell.length_c   131.318
_cell.angle_alpha   90.00
_cell.angle_beta   90.00
_cell.angle_gamma   90.00
#
_symmetry.space_group_name_H-M   'P 21 21 21'
#
loop_
_entity.id
_entity.type
_entity.pdbx_description
1 polymer 'Pancreatic alpha-amylase'
2 non-polymer 2-acetamido-2-deoxy-beta-D-glucopyranose
3 non-polymer 'CALCIUM ION'
4 non-polymer 'NITRATE ION'
5 water water
#
_entity_poly.entity_id   1
_entity_poly.type   'polypeptide(L)'
_entity_poly.pdbx_seq_one_letter_code
;(PCA)YSPNTQQGRTSIVHLFEWRWVDIALECERYLAPKGFGGVQVSPPNENVAIYNPFRPWWERYQPVSYKLCTRSGNE
DEFRNMVTRCNNVGVRIYVDAVINHMCGNAVSAGTSSTCGSYFNPGSRDFPAVPYSGWDFNDGKCKTGSGDIENYNDATQ
VRDCRLTGLLDLALEKDYVRSKIAEYMNHLIDIGVAGFRLDASKHMWPGDIKAILDKLHNLNSNWFPAGSKPFIYQEVID
LGGEPIKSSDYFGNGRVTEFKYGAKLGTVIRKWNGEKMSYLKNWGEGWGFVPSDRALVFVDSHDNQRGHGAGGASILTFW
DARLYKMAVGFMLAHPYGFTRVMSSYRWPRQFQNGNDVNDWVGPPNNNGVIKEVTINPDTTCGNDWVCEHRWRQIRNMVI
FRNVVDGQPFTNWYDNGSNQVAFGRGNRGFIVFNNDDWSFSLTLQTGLPAGTYCDVISGDKINGNCTGIKIYVSDDGKAH
FSISNSAEDPFIAIHAESKL
;
_entity_poly.pdbx_strand_id   A
#
loop_
_chem_comp.id
_chem_comp.type
_chem_comp.name
_chem_comp.formula
CA non-polymer 'CALCIUM ION' 'Ca 2'
NAG D-saccharide, beta linking 2-acetamido-2-deoxy-beta-D-glucopyranose 'C8 H15 N O6'
NO3 non-polymer 'NITRATE ION' 'N O3 -1'
#
# COMPACT_ATOMS: atom_id res chain seq x y z
N PCA A 1 7.60 16.67 1.31
CA PCA A 1 7.64 15.26 0.97
CB PCA A 1 9.04 14.79 1.32
CG PCA A 1 9.67 15.95 2.06
CD PCA A 1 8.70 17.11 1.92
OE PCA A 1 8.80 18.29 2.38
C PCA A 1 6.63 14.47 1.80
O PCA A 1 6.50 13.23 1.64
N TYR A 2 5.91 15.16 2.67
CA TYR A 2 4.95 14.50 3.52
C TYR A 2 3.52 14.57 3.01
N SER A 3 3.24 15.49 2.10
CA SER A 3 1.91 15.63 1.54
C SER A 3 1.75 14.73 0.33
N PRO A 4 0.64 13.97 0.28
CA PRO A 4 0.32 13.03 -0.81
C PRO A 4 0.15 13.68 -2.17
N ASN A 5 -0.25 14.95 -2.18
CA ASN A 5 -0.49 15.69 -3.42
C ASN A 5 -1.73 15.21 -4.17
N THR A 6 -2.63 14.55 -3.45
CA THR A 6 -3.88 14.08 -4.06
C THR A 6 -4.74 15.35 -4.15
N GLN A 7 -5.75 15.35 -5.01
CA GLN A 7 -6.56 16.56 -5.08
C GLN A 7 -7.53 16.61 -3.91
N GLN A 8 -7.88 17.84 -3.51
CA GLN A 8 -8.77 18.08 -2.38
C GLN A 8 -9.91 17.08 -2.26
N GLY A 9 -10.01 16.41 -1.12
CA GLY A 9 -11.11 15.47 -0.93
C GLY A 9 -10.91 14.00 -1.23
N ARG A 10 -9.72 13.60 -1.68
CA ARG A 10 -9.45 12.19 -1.95
C ARG A 10 -8.39 11.81 -0.94
N THR A 11 -8.68 10.81 -0.11
CA THR A 11 -7.80 10.42 0.98
C THR A 11 -7.08 9.06 1.02
N SER A 12 -7.11 8.30 -0.06
CA SER A 12 -6.45 7.01 -0.08
C SER A 12 -5.80 6.69 -1.41
N ILE A 13 -4.82 5.79 -1.38
CA ILE A 13 -4.20 5.35 -2.61
C ILE A 13 -4.45 3.84 -2.65
N VAL A 14 -4.50 3.27 -3.83
CA VAL A 14 -4.71 1.84 -3.96
C VAL A 14 -3.51 1.23 -4.67
N HIS A 15 -3.06 0.08 -4.19
CA HIS A 15 -1.94 -0.59 -4.82
C HIS A 15 -2.46 -1.59 -5.85
N LEU A 16 -2.39 -1.23 -7.13
CA LEU A 16 -2.84 -2.12 -8.17
C LEU A 16 -1.63 -2.99 -8.54
N PHE A 17 -1.38 -3.96 -7.67
CA PHE A 17 -0.26 -4.90 -7.76
C PHE A 17 -0.14 -5.68 -9.06
N GLU A 18 0.94 -5.42 -9.80
CA GLU A 18 1.23 -6.09 -11.07
C GLU A 18 0.30 -5.80 -12.25
N TRP A 19 -0.52 -4.75 -12.15
CA TRP A 19 -1.41 -4.39 -13.24
C TRP A 19 -0.61 -3.81 -14.40
N ARG A 20 -1.16 -3.94 -15.61
CA ARG A 20 -0.53 -3.40 -16.81
C ARG A 20 -0.91 -1.92 -16.88
N TRP A 21 -0.08 -1.10 -17.52
CA TRP A 21 -0.34 0.33 -17.61
C TRP A 21 -1.68 0.64 -18.28
N VAL A 22 -1.97 -0.05 -19.38
CA VAL A 22 -3.21 0.19 -20.10
C VAL A 22 -4.45 -0.05 -19.22
N ASP A 23 -4.42 -1.09 -18.39
CA ASP A 23 -5.53 -1.39 -17.51
C ASP A 23 -5.67 -0.35 -16.40
N ILE A 24 -4.55 0.16 -15.91
CA ILE A 24 -4.61 1.18 -14.87
C ILE A 24 -5.20 2.46 -15.46
N ALA A 25 -4.84 2.78 -16.69
CA ALA A 25 -5.35 3.98 -17.34
C ALA A 25 -6.87 3.90 -17.38
N LEU A 26 -7.39 2.77 -17.84
CA LEU A 26 -8.82 2.57 -17.92
C LEU A 26 -9.48 2.65 -16.56
N GLU A 27 -8.84 2.02 -15.57
CA GLU A 27 -9.39 2.03 -14.23
C GLU A 27 -9.47 3.43 -13.65
N CYS A 28 -8.51 4.29 -13.97
CA CYS A 28 -8.54 5.66 -13.46
C CYS A 28 -9.81 6.38 -13.91
N GLU A 29 -10.11 6.26 -15.19
CA GLU A 29 -11.26 6.91 -15.78
C GLU A 29 -12.61 6.29 -15.45
N ARG A 30 -12.71 4.96 -15.55
CA ARG A 30 -13.96 4.28 -15.31
C ARG A 30 -14.34 4.01 -13.86
N TYR A 31 -13.38 3.98 -12.94
CA TYR A 31 -13.71 3.68 -11.56
C TYR A 31 -13.06 4.51 -10.46
N LEU A 32 -11.74 4.59 -10.47
CA LEU A 32 -11.01 5.33 -9.46
C LEU A 32 -11.43 6.79 -9.31
N ALA A 33 -11.51 7.50 -10.43
CA ALA A 33 -11.91 8.90 -10.36
C ALA A 33 -13.36 9.03 -9.89
N PRO A 34 -14.30 8.32 -10.55
CA PRO A 34 -15.71 8.41 -10.14
C PRO A 34 -15.94 8.08 -8.66
N LYS A 35 -15.20 7.12 -8.13
CA LYS A 35 -15.35 6.70 -6.75
C LYS A 35 -14.52 7.46 -5.72
N GLY A 36 -13.78 8.47 -6.15
CA GLY A 36 -13.01 9.27 -5.21
C GLY A 36 -11.69 8.73 -4.67
N PHE A 37 -11.02 7.85 -5.40
CA PHE A 37 -9.73 7.34 -4.95
C PHE A 37 -8.69 8.41 -5.24
N GLY A 38 -7.75 8.58 -4.31
CA GLY A 38 -6.73 9.60 -4.50
C GLY A 38 -5.58 9.26 -5.43
N GLY A 39 -5.12 8.01 -5.40
CA GLY A 39 -4.01 7.64 -6.26
C GLY A 39 -3.76 6.16 -6.35
N VAL A 40 -2.75 5.81 -7.14
CA VAL A 40 -2.37 4.44 -7.40
C VAL A 40 -0.86 4.16 -7.21
N GLN A 41 -0.53 3.09 -6.49
CA GLN A 41 0.85 2.67 -6.32
C GLN A 41 1.05 1.73 -7.48
N VAL A 42 2.03 1.97 -8.33
CA VAL A 42 2.26 1.05 -9.42
C VAL A 42 3.47 0.18 -9.09
N SER A 43 3.58 -0.97 -9.74
CA SER A 43 4.71 -1.85 -9.53
C SER A 43 5.91 -1.17 -10.21
N PRO A 44 7.14 -1.60 -9.89
CA PRO A 44 8.34 -1.01 -10.48
C PRO A 44 8.20 -0.89 -12.00
N PRO A 45 8.33 0.33 -12.54
CA PRO A 45 8.21 0.54 -13.98
C PRO A 45 9.50 0.36 -14.79
N ASN A 46 10.61 0.10 -14.10
CA ASN A 46 11.89 -0.07 -14.77
C ASN A 46 12.22 -1.53 -15.07
N GLU A 47 13.03 -1.73 -16.11
CA GLU A 47 13.44 -3.05 -16.57
C GLU A 47 14.01 -3.92 -15.45
N ASN A 48 13.53 -5.16 -15.38
CA ASN A 48 13.98 -6.11 -14.37
C ASN A 48 14.45 -7.41 -15.02
N VAL A 49 15.02 -8.30 -14.22
CA VAL A 49 15.49 -9.58 -14.71
C VAL A 49 14.30 -10.50 -14.97
N ALA A 50 14.32 -11.22 -16.09
CA ALA A 50 13.24 -12.14 -16.40
C ALA A 50 13.66 -13.49 -15.83
N ILE A 51 13.01 -13.89 -14.74
CA ILE A 51 13.35 -15.15 -14.07
C ILE A 51 12.40 -16.25 -14.51
N TYR A 52 12.96 -17.36 -14.97
CA TYR A 52 12.17 -18.49 -15.44
C TYR A 52 12.12 -19.68 -14.51
N ASN A 53 12.91 -19.63 -13.45
CA ASN A 53 12.93 -20.71 -12.48
C ASN A 53 12.98 -20.14 -11.08
N PRO A 54 11.81 -19.99 -10.42
CA PRO A 54 10.46 -20.33 -10.89
C PRO A 54 9.98 -19.43 -12.04
N PHE A 55 8.88 -19.84 -12.69
CA PHE A 55 8.34 -19.10 -13.83
C PHE A 55 7.76 -17.72 -13.53
N ARG A 56 8.55 -16.68 -13.83
CA ARG A 56 8.13 -15.28 -13.69
C ARG A 56 7.49 -14.91 -12.34
N PRO A 57 8.25 -15.02 -11.24
CA PRO A 57 7.72 -14.69 -9.91
C PRO A 57 7.45 -13.19 -9.75
N TRP A 58 6.60 -12.83 -8.80
CA TRP A 58 6.32 -11.41 -8.60
C TRP A 58 7.60 -10.67 -8.20
N TRP A 59 8.46 -11.32 -7.42
CA TRP A 59 9.66 -10.67 -6.96
C TRP A 59 10.76 -10.42 -7.98
N GLU A 60 10.60 -10.90 -9.21
CA GLU A 60 11.61 -10.63 -10.22
C GLU A 60 11.65 -9.12 -10.51
N ARG A 61 10.57 -8.42 -10.17
CA ARG A 61 10.49 -6.99 -10.43
C ARG A 61 11.25 -6.14 -9.42
N TYR A 62 11.80 -6.77 -8.40
CA TYR A 62 12.58 -6.03 -7.40
C TYR A 62 14.05 -6.34 -7.64
N GLN A 63 14.32 -6.71 -8.87
CA GLN A 63 15.63 -7.09 -9.31
C GLN A 63 15.96 -6.31 -10.58
N PRO A 64 16.29 -5.01 -10.44
CA PRO A 64 16.63 -4.11 -11.56
C PRO A 64 17.78 -4.51 -12.49
N VAL A 65 17.63 -4.17 -13.77
CA VAL A 65 18.64 -4.43 -14.80
C VAL A 65 19.03 -3.09 -15.45
N SER A 66 18.11 -2.14 -15.45
CA SER A 66 18.35 -0.80 -16.01
C SER A 66 17.19 0.09 -15.59
N TYR A 67 17.21 1.35 -16.01
CA TYR A 67 16.14 2.25 -15.65
C TYR A 67 15.20 2.55 -16.83
N LYS A 68 15.25 1.70 -17.85
CA LYS A 68 14.37 1.85 -19.00
C LYS A 68 12.95 1.51 -18.55
N LEU A 69 11.96 2.30 -18.97
CA LEU A 69 10.56 2.04 -18.60
C LEU A 69 10.03 0.95 -19.52
N CYS A 70 10.44 -0.28 -19.24
CA CYS A 70 10.08 -1.38 -20.08
C CYS A 70 9.96 -2.67 -19.27
N THR A 71 8.71 -3.05 -18.98
CA THR A 71 8.40 -4.22 -18.17
C THR A 71 7.18 -4.98 -18.68
N ARG A 72 6.80 -6.03 -17.94
CA ARG A 72 5.64 -6.82 -18.31
C ARG A 72 4.37 -5.98 -18.21
N SER A 73 4.45 -4.84 -17.51
CA SER A 73 3.30 -3.97 -17.39
C SER A 73 3.12 -3.09 -18.63
N GLY A 74 4.16 -2.94 -19.43
CA GLY A 74 4.07 -2.13 -20.63
C GLY A 74 5.34 -1.34 -20.91
N ASN A 75 5.35 -0.60 -22.02
CA ASN A 75 6.52 0.20 -22.37
C ASN A 75 6.41 1.65 -21.90
N GLU A 76 7.38 2.48 -22.27
CA GLU A 76 7.38 3.86 -21.86
C GLU A 76 6.19 4.70 -22.34
N ASP A 77 5.77 4.49 -23.57
CA ASP A 77 4.64 5.26 -24.10
C ASP A 77 3.37 4.92 -23.34
N GLU A 78 3.16 3.64 -23.06
CA GLU A 78 1.98 3.22 -22.33
C GLU A 78 2.03 3.78 -20.91
N PHE A 79 3.24 3.87 -20.35
CA PHE A 79 3.39 4.41 -19.01
C PHE A 79 3.03 5.89 -19.00
N ARG A 80 3.57 6.63 -19.95
CA ARG A 80 3.27 8.05 -20.05
C ARG A 80 1.78 8.25 -20.29
N ASN A 81 1.20 7.44 -21.16
CA ASN A 81 -0.21 7.54 -21.46
C ASN A 81 -1.03 7.34 -20.19
N MET A 82 -0.63 6.37 -19.38
CA MET A 82 -1.32 6.11 -18.12
C MET A 82 -1.23 7.28 -17.15
N VAL A 83 -0.03 7.82 -16.96
CA VAL A 83 0.14 8.94 -16.04
C VAL A 83 -0.68 10.15 -16.47
N THR A 84 -0.68 10.44 -17.77
CA THR A 84 -1.44 11.56 -18.31
C THR A 84 -2.95 11.42 -18.10
N ARG A 85 -3.52 10.30 -18.54
CA ARG A 85 -4.95 10.08 -18.38
C ARG A 85 -5.41 10.07 -16.93
N CYS A 86 -4.64 9.43 -16.04
CA CYS A 86 -5.00 9.41 -14.65
C CYS A 86 -4.93 10.82 -14.05
N ASN A 87 -3.86 11.55 -14.37
CA ASN A 87 -3.74 12.90 -13.85
C ASN A 87 -4.89 13.79 -14.33
N ASN A 88 -5.28 13.62 -15.59
CA ASN A 88 -6.34 14.43 -16.14
C ASN A 88 -7.68 14.18 -15.48
N VAL A 89 -7.78 13.09 -14.74
CA VAL A 89 -9.02 12.78 -14.08
C VAL A 89 -8.83 12.90 -12.56
N GLY A 90 -7.72 13.52 -12.16
CA GLY A 90 -7.42 13.74 -10.75
C GLY A 90 -6.92 12.58 -9.90
N VAL A 91 -6.41 11.52 -10.54
CA VAL A 91 -5.90 10.37 -9.80
C VAL A 91 -4.37 10.29 -9.97
N ARG A 92 -3.65 10.44 -8.86
CA ARG A 92 -2.20 10.44 -8.89
C ARG A 92 -1.53 9.08 -9.04
N ILE A 93 -0.31 9.09 -9.56
CA ILE A 93 0.48 7.88 -9.74
C ILE A 93 1.71 7.95 -8.85
N TYR A 94 1.94 6.91 -8.07
CA TYR A 94 3.10 6.83 -7.19
C TYR A 94 3.93 5.64 -7.65
N VAL A 95 5.20 5.89 -7.92
CA VAL A 95 6.10 4.86 -8.40
C VAL A 95 6.87 4.11 -7.33
N ASP A 96 6.93 2.79 -7.49
CA ASP A 96 7.66 1.93 -6.57
C ASP A 96 9.11 2.06 -7.06
N ALA A 97 9.94 2.78 -6.31
CA ALA A 97 11.32 3.00 -6.69
C ALA A 97 12.30 2.01 -6.02
N VAL A 98 12.88 1.13 -6.83
CA VAL A 98 13.83 0.13 -6.36
C VAL A 98 15.22 0.72 -6.64
N ILE A 99 15.75 1.47 -5.66
CA ILE A 99 17.03 2.16 -5.84
C ILE A 99 18.17 1.71 -4.92
N ASN A 100 17.91 0.73 -4.06
CA ASN A 100 18.94 0.26 -3.16
C ASN A 100 19.88 -0.74 -3.81
N HIS A 101 19.38 -1.44 -4.82
CA HIS A 101 20.15 -2.49 -5.45
C HIS A 101 19.80 -2.75 -6.90
N MET A 102 20.54 -3.68 -7.50
CA MET A 102 20.28 -4.14 -8.86
C MET A 102 19.91 -5.62 -8.63
N CYS A 103 20.20 -6.51 -9.57
CA CYS A 103 19.80 -7.90 -9.38
C CYS A 103 20.70 -8.77 -8.49
N GLY A 104 20.27 -10.01 -8.27
CA GLY A 104 21.03 -10.94 -7.45
C GLY A 104 22.40 -11.18 -8.06
N ASN A 105 23.41 -11.31 -7.22
CA ASN A 105 24.77 -11.53 -7.71
C ASN A 105 24.96 -12.88 -8.37
N ALA A 106 24.06 -13.82 -8.07
CA ALA A 106 24.15 -15.16 -8.65
C ALA A 106 23.42 -15.30 -9.99
N VAL A 107 22.68 -14.28 -10.39
CA VAL A 107 21.96 -14.32 -11.66
C VAL A 107 22.93 -14.46 -12.83
N SER A 108 22.55 -15.24 -13.84
CA SER A 108 23.39 -15.46 -15.00
C SER A 108 23.44 -14.26 -15.94
N ALA A 109 24.64 -13.95 -16.42
CA ALA A 109 24.82 -12.83 -17.33
C ALA A 109 24.14 -13.17 -18.65
N GLY A 110 23.73 -12.14 -19.37
CA GLY A 110 23.06 -12.36 -20.64
C GLY A 110 22.05 -11.28 -20.91
N THR A 111 21.00 -11.62 -21.64
CA THR A 111 19.96 -10.67 -21.96
C THR A 111 18.59 -11.14 -21.50
N SER A 112 18.56 -11.89 -20.40
CA SER A 112 17.32 -12.38 -19.85
C SER A 112 16.69 -11.27 -19.02
N SER A 113 16.31 -10.19 -19.69
CA SER A 113 15.73 -9.03 -19.05
C SER A 113 14.44 -8.67 -19.76
N THR A 114 13.57 -7.91 -19.11
CA THR A 114 12.29 -7.56 -19.72
C THR A 114 12.36 -6.69 -20.97
N CYS A 115 13.51 -6.09 -21.24
CA CYS A 115 13.65 -5.26 -22.42
C CYS A 115 14.83 -5.67 -23.28
N GLY A 116 15.45 -6.79 -22.92
CA GLY A 116 16.58 -7.28 -23.68
C GLY A 116 17.92 -6.64 -23.38
N SER A 117 17.98 -5.77 -22.39
CA SER A 117 19.24 -5.13 -22.04
C SER A 117 20.22 -6.20 -21.58
N TYR A 118 21.49 -6.03 -21.92
CA TYR A 118 22.51 -6.97 -21.50
C TYR A 118 22.97 -6.58 -20.11
N PHE A 119 23.31 -7.58 -19.30
CA PHE A 119 23.81 -7.33 -17.96
C PHE A 119 24.65 -8.52 -17.51
N ASN A 120 25.61 -8.26 -16.65
CA ASN A 120 26.47 -9.31 -16.16
C ASN A 120 26.68 -9.12 -14.66
N PRO A 121 25.84 -9.77 -13.85
CA PRO A 121 25.95 -9.65 -12.39
C PRO A 121 27.34 -10.01 -11.89
N GLY A 122 27.90 -11.10 -12.42
CA GLY A 122 29.21 -11.54 -11.99
C GLY A 122 30.28 -10.47 -12.02
N SER A 123 30.40 -9.75 -13.14
CA SER A 123 31.39 -8.70 -13.26
C SER A 123 30.85 -7.31 -12.91
N ARG A 124 29.67 -7.27 -12.30
CA ARG A 124 29.05 -6.01 -11.91
C ARG A 124 28.83 -5.04 -13.08
N ASP A 125 28.46 -5.57 -14.25
CA ASP A 125 28.24 -4.71 -15.40
C ASP A 125 26.79 -4.59 -15.84
N PHE A 126 26.30 -3.36 -15.81
CA PHE A 126 24.96 -3.04 -16.24
C PHE A 126 25.14 -1.86 -17.18
N PRO A 127 25.64 -2.14 -18.40
CA PRO A 127 25.88 -1.13 -19.43
C PRO A 127 24.70 -0.24 -19.80
N ALA A 128 23.48 -0.73 -19.60
CA ALA A 128 22.32 0.07 -19.95
C ALA A 128 22.09 1.28 -19.06
N VAL A 129 22.74 1.34 -17.90
CA VAL A 129 22.54 2.48 -17.00
C VAL A 129 23.45 3.68 -17.32
N PRO A 130 24.78 3.51 -17.28
CA PRO A 130 25.54 2.31 -16.96
C PRO A 130 26.14 2.31 -15.56
N TYR A 131 26.38 1.11 -15.03
CA TYR A 131 26.99 0.91 -13.73
C TYR A 131 28.14 -0.09 -13.94
N SER A 132 29.15 -0.04 -13.09
CA SER A 132 30.28 -0.97 -13.18
C SER A 132 30.62 -1.40 -11.77
N GLY A 133 31.65 -2.23 -11.61
CA GLY A 133 32.04 -2.70 -10.30
C GLY A 133 32.35 -1.56 -9.35
N TRP A 134 32.72 -0.41 -9.89
CA TRP A 134 33.04 0.76 -9.07
C TRP A 134 31.81 1.39 -8.42
N ASP A 135 30.63 0.95 -8.83
CA ASP A 135 29.41 1.52 -8.30
C ASP A 135 28.67 0.68 -7.26
N PHE A 136 29.29 -0.38 -6.76
CA PHE A 136 28.68 -1.26 -5.77
C PHE A 136 29.45 -1.29 -4.45
N ASN A 137 28.81 -1.77 -3.38
CA ASN A 137 29.44 -1.81 -2.07
C ASN A 137 30.27 -3.05 -1.74
N ASP A 138 30.65 -3.81 -2.75
CA ASP A 138 31.43 -5.01 -2.52
C ASP A 138 32.63 -4.75 -1.62
N GLY A 139 33.37 -3.69 -1.91
CA GLY A 139 34.53 -3.36 -1.10
C GLY A 139 34.23 -2.70 0.24
N LYS A 140 33.00 -2.25 0.44
CA LYS A 140 32.64 -1.59 1.69
C LYS A 140 32.05 -2.54 2.73
N CYS A 141 31.33 -3.56 2.28
CA CYS A 141 30.72 -4.53 3.18
C CYS A 141 31.79 -5.34 3.91
N LYS A 142 31.64 -5.50 5.23
CA LYS A 142 32.62 -6.21 6.02
C LYS A 142 32.26 -7.62 6.48
N THR A 143 31.19 -8.20 5.94
CA THR A 143 30.81 -9.55 6.35
C THR A 143 31.56 -10.60 5.52
N GLY A 144 31.71 -11.80 6.09
CA GLY A 144 32.42 -12.86 5.38
C GLY A 144 31.75 -13.34 4.11
N SER A 145 30.42 -13.29 4.07
CA SER A 145 29.68 -13.75 2.91
C SER A 145 29.41 -12.63 1.93
N GLY A 146 29.45 -11.40 2.41
CA GLY A 146 29.17 -10.27 1.55
C GLY A 146 27.70 -9.89 1.63
N ASP A 147 26.89 -10.74 2.26
CA ASP A 147 25.46 -10.47 2.41
C ASP A 147 25.20 -9.96 3.83
N ILE A 148 23.98 -9.50 4.08
CA ILE A 148 23.62 -9.05 5.41
C ILE A 148 23.51 -10.34 6.24
N GLU A 149 24.22 -10.38 7.35
CA GLU A 149 24.23 -11.54 8.20
C GLU A 149 23.62 -11.29 9.57
N ASN A 150 23.70 -10.05 10.03
CA ASN A 150 23.20 -9.71 11.33
C ASN A 150 22.54 -8.33 11.36
N TYR A 151 21.24 -8.31 11.67
CA TYR A 151 20.51 -7.06 11.72
C TYR A 151 20.76 -6.21 12.95
N ASN A 152 21.61 -6.67 13.85
CA ASN A 152 21.93 -5.89 15.03
C ASN A 152 23.10 -4.97 14.75
N ASP A 153 23.65 -5.09 13.54
CA ASP A 153 24.75 -4.23 13.10
C ASP A 153 24.17 -3.33 12.01
N ALA A 154 23.82 -2.10 12.38
CA ALA A 154 23.23 -1.16 11.45
C ALA A 154 24.08 -0.88 10.22
N THR A 155 25.40 -1.03 10.32
CA THR A 155 26.27 -0.76 9.18
C THR A 155 26.15 -1.80 8.09
N GLN A 156 26.22 -3.05 8.51
CA GLN A 156 26.10 -4.19 7.64
C GLN A 156 24.73 -4.19 6.94
N VAL A 157 23.69 -3.85 7.67
CA VAL A 157 22.36 -3.80 7.10
C VAL A 157 22.30 -2.82 5.91
N ARG A 158 23.11 -1.77 5.98
CA ARG A 158 23.15 -0.76 4.93
C ARG A 158 24.16 -1.00 3.82
N ASP A 159 25.33 -1.53 4.16
CA ASP A 159 26.40 -1.73 3.17
C ASP A 159 26.54 -3.10 2.52
N CYS A 160 25.85 -4.10 3.05
CA CYS A 160 25.96 -5.44 2.48
C CYS A 160 24.74 -5.83 1.63
N ARG A 161 24.83 -6.96 0.94
CA ARG A 161 23.73 -7.40 0.07
C ARG A 161 22.55 -8.02 0.78
N LEU A 162 21.35 -7.50 0.50
CA LEU A 162 20.13 -8.05 1.06
C LEU A 162 19.90 -9.35 0.28
N THR A 163 20.14 -10.48 0.93
CA THR A 163 19.99 -11.79 0.31
C THR A 163 20.57 -11.89 -1.10
N GLY A 164 21.81 -11.45 -1.27
CA GLY A 164 22.48 -11.55 -2.56
C GLY A 164 22.28 -10.45 -3.59
N LEU A 165 21.36 -9.51 -3.34
CA LEU A 165 21.12 -8.43 -4.29
C LEU A 165 22.28 -7.43 -4.31
N LEU A 166 22.88 -7.22 -5.48
CA LEU A 166 24.00 -6.29 -5.62
C LEU A 166 23.63 -4.91 -5.05
N ASP A 167 24.40 -4.49 -4.04
CA ASP A 167 24.17 -3.24 -3.32
C ASP A 167 24.87 -2.00 -3.91
N LEU A 168 24.07 -1.02 -4.34
CA LEU A 168 24.59 0.21 -4.92
C LEU A 168 25.30 1.10 -3.91
N ALA A 169 26.42 1.70 -4.34
CA ALA A 169 27.20 2.60 -3.50
C ALA A 169 26.51 3.96 -3.55
N LEU A 170 25.46 4.12 -2.76
CA LEU A 170 24.68 5.35 -2.74
C LEU A 170 25.36 6.61 -2.20
N GLU A 171 26.60 6.53 -1.72
CA GLU A 171 27.26 7.73 -1.25
C GLU A 171 28.05 8.40 -2.38
N LYS A 172 28.19 7.72 -3.51
CA LYS A 172 28.90 8.26 -4.67
C LYS A 172 27.97 9.20 -5.43
N ASP A 173 28.46 10.38 -5.78
CA ASP A 173 27.61 11.30 -6.50
C ASP A 173 27.17 10.75 -7.85
N TYR A 174 28.00 9.94 -8.48
CA TYR A 174 27.62 9.38 -9.76
C TYR A 174 26.36 8.53 -9.65
N VAL A 175 26.34 7.62 -8.68
CA VAL A 175 25.20 6.74 -8.48
C VAL A 175 23.97 7.55 -8.07
N ARG A 176 24.16 8.51 -7.18
CA ARG A 176 23.06 9.36 -6.72
C ARG A 176 22.45 10.08 -7.91
N SER A 177 23.32 10.51 -8.83
CA SER A 177 22.89 11.23 -10.00
C SER A 177 22.16 10.35 -11.00
N LYS A 178 22.60 9.11 -11.17
CA LYS A 178 21.95 8.21 -12.11
C LYS A 178 20.55 7.88 -11.60
N ILE A 179 20.42 7.76 -10.28
CA ILE A 179 19.14 7.46 -9.68
C ILE A 179 18.21 8.68 -9.76
N ALA A 180 18.75 9.87 -9.53
CA ALA A 180 17.94 11.08 -9.60
C ALA A 180 17.53 11.32 -11.05
N GLU A 181 18.38 10.93 -11.99
CA GLU A 181 18.08 11.08 -13.40
C GLU A 181 16.82 10.27 -13.71
N TYR A 182 16.77 9.05 -13.18
CA TYR A 182 15.65 8.17 -13.39
C TYR A 182 14.39 8.76 -12.73
N MET A 183 14.50 9.15 -11.47
CA MET A 183 13.37 9.71 -10.77
C MET A 183 12.86 11.04 -11.33
N ASN A 184 13.75 11.91 -11.80
CA ASN A 184 13.32 13.18 -12.38
C ASN A 184 12.61 12.98 -13.71
N HIS A 185 12.98 11.92 -14.43
CA HIS A 185 12.31 11.64 -15.70
C HIS A 185 10.85 11.34 -15.38
N LEU A 186 10.62 10.54 -14.34
CA LEU A 186 9.28 10.16 -13.91
C LEU A 186 8.50 11.37 -13.38
N ILE A 187 9.14 12.21 -12.58
CA ILE A 187 8.49 13.39 -12.04
C ILE A 187 8.03 14.29 -13.19
N ASP A 188 8.92 14.55 -14.14
CA ASP A 188 8.57 15.41 -15.27
C ASP A 188 7.48 14.81 -16.15
N ILE A 189 7.33 13.49 -16.12
CA ILE A 189 6.30 12.79 -16.89
C ILE A 189 4.95 13.07 -16.20
N GLY A 190 5.00 13.27 -14.88
CA GLY A 190 3.78 13.54 -14.15
C GLY A 190 3.51 12.75 -12.87
N VAL A 191 4.40 11.84 -12.48
CA VAL A 191 4.15 11.09 -11.26
C VAL A 191 4.18 12.03 -10.05
N ALA A 192 3.38 11.70 -9.03
CA ALA A 192 3.27 12.53 -7.84
C ALA A 192 4.14 12.15 -6.64
N GLY A 193 4.76 10.98 -6.68
CA GLY A 193 5.57 10.59 -5.55
C GLY A 193 6.17 9.21 -5.69
N PHE A 194 6.85 8.75 -4.65
CA PHE A 194 7.51 7.45 -4.69
C PHE A 194 7.47 6.64 -3.41
N ARG A 195 7.46 5.33 -3.58
CA ARG A 195 7.54 4.40 -2.49
C ARG A 195 9.01 4.03 -2.60
N LEU A 196 9.81 4.31 -1.57
CA LEU A 196 11.20 3.96 -1.65
C LEU A 196 11.41 2.55 -1.09
N ASP A 197 11.58 1.59 -2.00
CA ASP A 197 11.77 0.20 -1.65
C ASP A 197 13.04 -0.02 -0.84
N ALA A 198 12.96 -0.91 0.14
CA ALA A 198 14.10 -1.27 0.98
C ALA A 198 14.81 -0.08 1.63
N SER A 199 14.07 0.90 2.13
CA SER A 199 14.70 2.06 2.73
C SER A 199 15.54 1.74 3.96
N LYS A 200 15.19 0.67 4.67
CA LYS A 200 15.95 0.28 5.86
C LYS A 200 17.40 -0.02 5.48
N HIS A 201 17.58 -0.47 4.24
CA HIS A 201 18.87 -0.86 3.75
C HIS A 201 19.69 0.28 3.11
N MET A 202 19.23 1.52 3.31
CA MET A 202 19.92 2.68 2.79
C MET A 202 20.13 3.65 3.96
N TRP A 203 21.21 4.43 3.91
CA TRP A 203 21.47 5.39 4.97
C TRP A 203 20.52 6.57 4.82
N PRO A 204 19.93 7.04 5.93
CA PRO A 204 19.02 8.18 5.86
C PRO A 204 19.67 9.33 5.10
N GLY A 205 20.97 9.54 5.35
CA GLY A 205 21.69 10.63 4.71
C GLY A 205 21.86 10.46 3.22
N ASP A 206 22.01 9.23 2.75
CA ASP A 206 22.16 9.00 1.32
C ASP A 206 20.84 9.26 0.62
N ILE A 207 19.75 8.82 1.24
CA ILE A 207 18.43 9.04 0.66
C ILE A 207 18.21 10.55 0.52
N LYS A 208 18.50 11.30 1.59
CA LYS A 208 18.35 12.74 1.59
C LYS A 208 19.12 13.39 0.43
N ALA A 209 20.34 12.91 0.20
CA ALA A 209 21.18 13.44 -0.86
C ALA A 209 20.53 13.25 -2.23
N ILE A 210 19.83 12.14 -2.40
CA ILE A 210 19.15 11.86 -3.66
C ILE A 210 17.91 12.74 -3.79
N LEU A 211 17.16 12.87 -2.69
CA LEU A 211 15.96 13.70 -2.70
C LEU A 211 16.26 15.16 -3.03
N ASP A 212 17.43 15.65 -2.59
CA ASP A 212 17.80 17.02 -2.87
C ASP A 212 17.98 17.27 -4.36
N LYS A 213 18.15 16.21 -5.13
CA LYS A 213 18.34 16.33 -6.56
C LYS A 213 17.01 16.28 -7.33
N LEU A 214 15.93 16.01 -6.63
CA LEU A 214 14.61 15.90 -7.28
C LEU A 214 13.91 17.21 -7.64
N HIS A 215 13.23 17.22 -8.78
CA HIS A 215 12.49 18.39 -9.23
C HIS A 215 11.19 18.53 -8.44
N ASN A 216 10.53 19.67 -8.64
CA ASN A 216 9.23 19.89 -8.04
C ASN A 216 8.31 19.19 -9.03
N LEU A 217 7.07 18.93 -8.63
CA LEU A 217 6.13 18.23 -9.51
C LEU A 217 5.78 19.02 -10.78
N ASN A 218 5.36 18.30 -11.83
CA ASN A 218 5.04 18.92 -13.12
C ASN A 218 4.03 20.08 -12.96
N SER A 219 4.47 21.30 -13.26
CA SER A 219 3.63 22.49 -13.11
C SER A 219 2.40 22.57 -14.02
N ASN A 220 2.25 21.57 -14.90
CA ASN A 220 1.08 21.53 -15.77
C ASN A 220 -0.09 20.92 -14.99
N TRP A 221 0.21 20.14 -13.97
CA TRP A 221 -0.82 19.51 -13.16
C TRP A 221 -0.79 19.90 -11.70
N PHE A 222 0.38 20.32 -11.21
CA PHE A 222 0.49 20.68 -9.81
C PHE A 222 0.92 22.12 -9.58
N PRO A 223 0.49 22.70 -8.46
CA PRO A 223 0.86 24.08 -8.17
C PRO A 223 2.36 24.21 -7.98
N ALA A 224 2.91 25.37 -8.37
CA ALA A 224 4.32 25.60 -8.25
C ALA A 224 4.81 25.34 -6.83
N GLY A 225 5.99 24.73 -6.71
CA GLY A 225 6.55 24.45 -5.40
C GLY A 225 6.13 23.12 -4.78
N SER A 226 5.38 22.31 -5.53
CA SER A 226 4.93 21.02 -5.02
C SER A 226 6.08 20.03 -5.02
N LYS A 227 6.34 19.44 -3.86
CA LYS A 227 7.40 18.46 -3.75
C LYS A 227 6.80 17.06 -3.83
N PRO A 228 7.54 16.10 -4.41
CA PRO A 228 6.99 14.75 -4.50
C PRO A 228 6.75 14.09 -3.14
N PHE A 229 5.69 13.29 -3.06
CA PHE A 229 5.33 12.57 -1.85
C PHE A 229 6.32 11.41 -1.70
N ILE A 230 6.94 11.30 -0.54
CA ILE A 230 7.89 10.25 -0.30
C ILE A 230 7.49 9.37 0.87
N TYR A 231 7.33 8.08 0.63
CA TYR A 231 7.07 7.18 1.73
C TYR A 231 8.10 6.07 1.64
N GLN A 232 8.82 5.93 2.74
CA GLN A 232 9.92 5.01 2.92
C GLN A 232 9.52 3.63 3.45
N GLU A 233 9.82 2.56 2.72
CA GLU A 233 9.49 1.23 3.25
C GLU A 233 10.54 0.83 4.27
N VAL A 234 10.17 0.86 5.54
CA VAL A 234 11.07 0.48 6.60
C VAL A 234 10.28 -0.45 7.51
N ILE A 235 10.73 -1.70 7.63
CA ILE A 235 10.06 -2.66 8.49
C ILE A 235 10.68 -2.54 9.87
N ASP A 236 9.99 -1.83 10.76
CA ASP A 236 10.47 -1.62 12.11
C ASP A 236 9.47 -2.09 13.14
N LEU A 237 9.76 -3.23 13.75
CA LEU A 237 8.92 -3.76 14.79
C LEU A 237 9.72 -3.48 16.05
N GLY A 238 9.76 -4.42 16.98
CA GLY A 238 10.52 -4.19 18.19
C GLY A 238 12.04 -4.12 18.01
N GLY A 239 12.70 -3.76 19.11
CA GLY A 239 14.15 -3.64 19.20
C GLY A 239 15.13 -4.00 18.09
N GLU A 240 15.56 -2.98 17.37
CA GLU A 240 16.53 -3.12 16.32
C GLU A 240 17.31 -1.82 16.41
N PRO A 241 18.61 -1.84 16.07
CA PRO A 241 19.37 -0.59 16.17
C PRO A 241 18.81 0.50 15.25
N ILE A 242 18.21 0.07 14.14
CA ILE A 242 17.62 0.99 13.16
C ILE A 242 16.17 1.29 13.54
N LYS A 243 15.80 2.57 13.57
CA LYS A 243 14.45 2.98 13.92
C LYS A 243 13.82 3.72 12.74
N SER A 244 12.51 3.56 12.54
CA SER A 244 11.87 4.24 11.43
C SER A 244 11.92 5.75 11.62
N SER A 245 12.06 6.20 12.85
CA SER A 245 12.13 7.64 13.12
C SER A 245 13.40 8.25 12.50
N ASP A 246 14.43 7.44 12.26
CA ASP A 246 15.66 7.93 11.66
C ASP A 246 15.42 8.46 10.24
N TYR A 247 14.28 8.10 9.66
CA TYR A 247 13.95 8.51 8.31
C TYR A 247 12.92 9.64 8.17
N PHE A 248 12.46 10.20 9.29
CA PHE A 248 11.46 11.27 9.28
C PHE A 248 11.86 12.52 8.47
N GLY A 249 13.15 12.81 8.41
CA GLY A 249 13.58 13.98 7.67
C GLY A 249 13.47 13.82 6.17
N ASN A 250 13.15 12.62 5.70
CA ASN A 250 13.06 12.36 4.27
C ASN A 250 11.64 12.25 3.76
N GLY A 251 10.71 11.89 4.65
CA GLY A 251 9.33 11.75 4.25
C GLY A 251 8.61 10.82 5.20
N ARG A 252 7.49 10.26 4.78
CA ARG A 252 6.74 9.35 5.62
C ARG A 252 7.39 7.98 5.61
N VAL A 253 6.93 7.10 6.49
CA VAL A 253 7.44 5.75 6.55
C VAL A 253 6.27 4.78 6.66
N THR A 254 6.45 3.57 6.17
CA THR A 254 5.43 2.56 6.25
C THR A 254 5.41 2.07 7.68
N GLU A 255 4.23 2.04 8.29
CA GLU A 255 4.11 1.59 9.66
C GLU A 255 3.61 0.14 9.65
N PHE A 256 4.56 -0.80 9.62
CA PHE A 256 4.22 -2.22 9.60
C PHE A 256 3.63 -2.75 10.89
N LYS A 257 3.82 -2.04 11.99
CA LYS A 257 3.25 -2.50 13.25
C LYS A 257 1.73 -2.40 13.19
N TYR A 258 1.25 -1.46 12.38
CA TYR A 258 -0.18 -1.20 12.22
C TYR A 258 -0.96 -2.45 11.79
N GLY A 259 -0.65 -2.97 10.61
CA GLY A 259 -1.32 -4.15 10.12
C GLY A 259 -1.09 -5.37 11.00
N ALA A 260 0.09 -5.46 11.58
CA ALA A 260 0.42 -6.58 12.44
C ALA A 260 -0.49 -6.62 13.66
N LYS A 261 -0.63 -5.49 14.35
CA LYS A 261 -1.47 -5.45 15.56
C LYS A 261 -2.97 -5.46 15.28
N LEU A 262 -3.39 -4.88 14.17
CA LEU A 262 -4.80 -4.88 13.85
C LEU A 262 -5.20 -6.35 13.58
N GLY A 263 -4.27 -7.10 12.99
CA GLY A 263 -4.52 -8.49 12.71
C GLY A 263 -4.67 -9.32 13.96
N THR A 264 -3.75 -9.19 14.92
CA THR A 264 -3.85 -9.97 16.15
C THR A 264 -5.07 -9.55 16.98
N VAL A 265 -5.43 -8.27 16.91
CA VAL A 265 -6.60 -7.78 17.65
C VAL A 265 -7.91 -8.34 17.09
N ILE A 266 -8.07 -8.28 15.77
CA ILE A 266 -9.28 -8.78 15.16
C ILE A 266 -9.39 -10.31 15.18
N ARG A 267 -8.24 -10.99 15.17
CA ARG A 267 -8.23 -12.44 15.24
C ARG A 267 -8.34 -12.82 16.71
N LYS A 268 -8.25 -11.81 17.58
CA LYS A 268 -8.34 -11.98 19.01
C LYS A 268 -7.23 -12.90 19.54
N TRP A 269 -6.03 -12.74 19.01
CA TRP A 269 -4.91 -13.54 19.45
C TRP A 269 -4.45 -13.13 20.85
N ASN A 270 -4.02 -14.12 21.62
CA ASN A 270 -3.54 -13.94 22.99
C ASN A 270 -4.29 -12.93 23.86
N GLY A 271 -5.62 -13.06 23.90
CA GLY A 271 -6.45 -12.20 24.73
C GLY A 271 -6.71 -10.77 24.29
N GLU A 272 -6.26 -10.39 23.11
CA GLU A 272 -6.50 -9.02 22.66
C GLU A 272 -7.95 -8.87 22.25
N LYS A 273 -8.48 -7.68 22.43
CA LYS A 273 -9.88 -7.40 22.11
C LYS A 273 -10.00 -6.00 21.51
N MET A 274 -11.06 -5.78 20.73
CA MET A 274 -11.26 -4.48 20.11
C MET A 274 -11.42 -3.31 21.06
N SER A 275 -11.83 -3.57 22.30
CA SER A 275 -12.00 -2.51 23.25
C SER A 275 -10.67 -1.81 23.51
N TYR A 276 -9.57 -2.51 23.21
CA TYR A 276 -8.25 -1.94 23.41
C TYR A 276 -7.90 -0.88 22.37
N LEU A 277 -8.60 -0.89 21.23
CA LEU A 277 -8.34 0.07 20.14
C LEU A 277 -8.74 1.48 20.50
N LYS A 278 -9.20 1.67 21.72
CA LYS A 278 -9.63 2.96 22.24
C LYS A 278 -8.57 4.05 22.01
N ASN A 279 -7.31 3.69 22.25
CA ASN A 279 -6.22 4.63 22.09
C ASN A 279 -5.34 4.29 20.88
N TRP A 280 -5.94 3.62 19.90
CA TRP A 280 -5.24 3.23 18.68
C TRP A 280 -4.44 4.40 18.10
N GLY A 281 -3.21 4.12 17.67
CA GLY A 281 -2.36 5.16 17.09
C GLY A 281 -1.02 5.25 17.78
N GLU A 282 -0.55 6.48 17.99
CA GLU A 282 0.72 6.68 18.64
C GLU A 282 0.74 6.06 20.03
N GLY A 283 -0.44 5.96 20.64
CA GLY A 283 -0.55 5.36 21.95
C GLY A 283 -0.05 3.93 21.97
N TRP A 284 -0.06 3.28 20.81
CA TRP A 284 0.39 1.91 20.69
C TRP A 284 1.86 1.80 20.30
N GLY A 285 2.57 2.92 20.37
CA GLY A 285 3.98 2.91 20.01
C GLY A 285 4.22 3.06 18.52
N PHE A 286 3.21 3.53 17.79
CA PHE A 286 3.37 3.72 16.35
C PHE A 286 4.02 5.09 16.10
N VAL A 287 4.52 5.30 14.90
CA VAL A 287 5.13 6.59 14.56
C VAL A 287 4.04 7.68 14.53
N PRO A 288 4.44 8.96 14.53
CA PRO A 288 3.42 10.03 14.49
C PRO A 288 2.52 9.87 13.27
N SER A 289 1.25 10.20 13.43
CA SER A 289 0.29 10.10 12.35
C SER A 289 0.69 10.83 11.06
N ASP A 290 1.30 12.01 11.18
CA ASP A 290 1.69 12.75 10.00
C ASP A 290 2.92 12.19 9.28
N ARG A 291 3.48 11.10 9.80
CA ARG A 291 4.62 10.49 9.15
C ARG A 291 4.31 9.03 8.77
N ALA A 292 3.06 8.63 8.99
CA ALA A 292 2.65 7.27 8.72
C ALA A 292 1.88 6.97 7.43
N LEU A 293 2.27 5.89 6.77
CA LEU A 293 1.60 5.38 5.58
C LEU A 293 1.11 4.05 6.15
N VAL A 294 -0.21 3.88 6.28
CA VAL A 294 -0.75 2.66 6.86
C VAL A 294 -1.48 1.74 5.88
N PHE A 295 -1.65 0.49 6.29
CA PHE A 295 -2.30 -0.50 5.44
C PHE A 295 -2.57 -1.75 6.27
N VAL A 296 -3.54 -2.57 5.85
CA VAL A 296 -3.83 -3.80 6.58
C VAL A 296 -2.84 -4.87 6.10
N ASP A 297 -2.69 -4.99 4.79
CA ASP A 297 -1.75 -5.93 4.21
C ASP A 297 -1.07 -5.28 3.00
N SER A 298 0.10 -5.79 2.63
CA SER A 298 0.85 -5.28 1.50
C SER A 298 1.18 -6.47 0.62
N HIS A 299 1.68 -6.22 -0.58
CA HIS A 299 2.01 -7.31 -1.49
C HIS A 299 3.05 -8.23 -0.87
N ASP A 300 3.85 -7.69 0.04
CA ASP A 300 4.89 -8.44 0.72
C ASP A 300 4.36 -9.40 1.77
N ASN A 301 3.78 -8.82 2.82
CA ASN A 301 3.28 -9.61 3.91
C ASN A 301 1.94 -10.30 3.70
N GLN A 302 1.32 -10.16 2.54
CA GLN A 302 0.05 -10.85 2.33
C GLN A 302 0.36 -12.30 1.94
N ARG A 303 1.62 -12.56 1.57
CA ARG A 303 2.04 -13.91 1.21
C ARG A 303 3.16 -14.37 2.14
N GLY A 304 3.14 -13.87 3.38
CA GLY A 304 4.13 -14.23 4.38
C GLY A 304 5.53 -13.72 4.15
N HIS A 305 5.70 -12.80 3.19
CA HIS A 305 7.02 -12.24 2.85
C HIS A 305 7.43 -10.96 3.59
N GLY A 306 6.70 -10.60 4.64
CA GLY A 306 7.04 -9.38 5.37
C GLY A 306 6.64 -9.38 6.83
N ALA A 307 6.88 -8.25 7.49
CA ALA A 307 6.56 -8.09 8.91
C ALA A 307 5.11 -8.45 9.20
N GLY A 308 4.87 -9.01 10.38
CA GLY A 308 3.53 -9.39 10.77
C GLY A 308 3.37 -10.91 10.84
N GLY A 309 3.92 -11.60 9.86
CA GLY A 309 3.82 -13.04 9.86
C GLY A 309 2.44 -13.59 9.60
N ALA A 310 2.00 -14.49 10.47
CA ALA A 310 0.71 -15.14 10.33
C ALA A 310 -0.51 -14.33 10.76
N SER A 311 -0.30 -13.25 11.49
CA SER A 311 -1.42 -12.45 11.94
C SER A 311 -2.06 -11.60 10.85
N ILE A 312 -1.30 -11.26 9.82
CA ILE A 312 -1.80 -10.43 8.75
C ILE A 312 -3.10 -10.92 8.12
N LEU A 313 -4.05 -10.00 7.97
CA LEU A 313 -5.35 -10.30 7.35
C LEU A 313 -5.28 -9.95 5.87
N THR A 314 -5.85 -10.80 5.03
CA THR A 314 -5.83 -10.58 3.59
C THR A 314 -7.18 -10.94 2.99
N PHE A 315 -7.32 -10.84 1.68
CA PHE A 315 -8.57 -11.16 1.04
C PHE A 315 -8.97 -12.61 1.28
N TRP A 316 -8.02 -13.46 1.66
CA TRP A 316 -8.35 -14.87 1.91
C TRP A 316 -9.27 -14.97 3.13
N ASP A 317 -9.14 -14.02 4.05
CA ASP A 317 -9.98 -13.98 5.25
C ASP A 317 -11.05 -12.91 5.08
N ALA A 318 -11.66 -12.91 3.90
CA ALA A 318 -12.67 -11.95 3.51
C ALA A 318 -13.48 -11.26 4.61
N ARG A 319 -14.20 -12.03 5.41
CA ARG A 319 -15.04 -11.45 6.44
C ARG A 319 -14.29 -10.55 7.43
N LEU A 320 -13.20 -11.06 7.99
CA LEU A 320 -12.43 -10.29 8.96
C LEU A 320 -11.61 -9.20 8.26
N TYR A 321 -11.25 -9.45 7.01
CA TYR A 321 -10.47 -8.49 6.25
C TYR A 321 -11.27 -7.21 6.05
N LYS A 322 -12.50 -7.35 5.58
CA LYS A 322 -13.37 -6.19 5.35
C LYS A 322 -13.55 -5.36 6.61
N MET A 323 -13.65 -6.03 7.75
CA MET A 323 -13.83 -5.34 9.02
C MET A 323 -12.57 -4.55 9.42
N ALA A 324 -11.40 -5.12 9.13
CA ALA A 324 -10.13 -4.48 9.45
C ALA A 324 -9.93 -3.25 8.58
N VAL A 325 -10.19 -3.40 7.28
CA VAL A 325 -10.06 -2.30 6.33
C VAL A 325 -11.06 -1.22 6.72
N GLY A 326 -12.22 -1.63 7.20
CA GLY A 326 -13.24 -0.68 7.62
C GLY A 326 -12.75 0.15 8.78
N PHE A 327 -12.16 -0.48 9.78
CA PHE A 327 -11.65 0.23 10.94
C PHE A 327 -10.56 1.21 10.50
N MET A 328 -9.63 0.73 9.68
CA MET A 328 -8.55 1.56 9.19
C MET A 328 -9.06 2.81 8.50
N LEU A 329 -9.94 2.63 7.52
CA LEU A 329 -10.49 3.74 6.76
C LEU A 329 -11.33 4.73 7.59
N ALA A 330 -11.86 4.27 8.71
CA ALA A 330 -12.67 5.13 9.57
C ALA A 330 -11.82 5.88 10.60
N HIS A 331 -10.71 5.27 11.02
CA HIS A 331 -9.86 5.88 12.03
C HIS A 331 -8.98 6.99 11.43
N PRO A 332 -8.85 8.12 12.16
CA PRO A 332 -8.05 9.27 11.71
C PRO A 332 -6.54 9.09 11.54
N TYR A 333 -5.95 8.09 12.16
CA TYR A 333 -4.51 7.88 12.07
C TYR A 333 -3.92 7.51 10.70
N GLY A 334 -2.85 8.22 10.33
CA GLY A 334 -2.14 7.96 9.08
C GLY A 334 -2.81 8.18 7.76
N PHE A 335 -2.05 7.93 6.68
CA PHE A 335 -2.54 8.06 5.32
C PHE A 335 -2.71 6.61 4.87
N THR A 336 -3.90 6.28 4.41
CA THR A 336 -4.24 4.92 4.03
C THR A 336 -4.00 4.39 2.62
N ARG A 337 -3.45 3.17 2.56
CA ARG A 337 -3.20 2.50 1.30
C ARG A 337 -4.03 1.23 1.25
N VAL A 338 -4.85 1.11 0.22
CA VAL A 338 -5.71 -0.05 0.01
C VAL A 338 -5.04 -1.03 -0.93
N MET A 339 -5.08 -2.31 -0.57
CA MET A 339 -4.48 -3.35 -1.37
C MET A 339 -5.42 -3.87 -2.45
N SER A 340 -4.86 -4.26 -3.58
CA SER A 340 -5.64 -4.83 -4.68
C SER A 340 -4.75 -5.95 -5.21
N SER A 341 -5.19 -7.19 -5.03
CA SER A 341 -4.41 -8.34 -5.43
C SER A 341 -4.97 -9.28 -6.48
N TYR A 342 -4.25 -10.39 -6.69
CA TYR A 342 -4.65 -11.43 -7.61
C TYR A 342 -4.61 -12.73 -6.81
N ARG A 343 -5.41 -13.71 -7.22
CA ARG A 343 -5.44 -14.99 -6.54
C ARG A 343 -4.29 -15.84 -7.06
N TRP A 344 -3.74 -16.69 -6.18
CA TRP A 344 -2.67 -17.57 -6.57
C TRP A 344 -2.95 -18.88 -5.85
N PRO A 345 -2.54 -20.01 -6.43
CA PRO A 345 -2.79 -21.31 -5.79
C PRO A 345 -2.05 -21.50 -4.49
N ARG A 346 -2.57 -20.95 -3.41
CA ARG A 346 -1.92 -21.13 -2.12
C ARG A 346 -1.84 -22.62 -1.82
N GLN A 347 -0.69 -23.04 -1.33
CA GLN A 347 -0.47 -24.43 -1.02
C GLN A 347 0.46 -24.56 0.18
N PHE A 348 -0.14 -24.67 1.36
CA PHE A 348 0.60 -24.76 2.60
C PHE A 348 1.19 -26.13 2.88
N GLN A 349 2.44 -26.14 3.35
CA GLN A 349 3.13 -27.37 3.67
C GLN A 349 3.98 -27.07 4.90
N ASN A 350 3.71 -27.79 5.98
CA ASN A 350 4.40 -27.60 7.24
C ASN A 350 4.25 -26.15 7.67
N GLY A 351 3.09 -25.58 7.38
CA GLY A 351 2.81 -24.21 7.77
C GLY A 351 3.24 -23.12 6.80
N ASN A 352 3.99 -23.47 5.76
CA ASN A 352 4.44 -22.46 4.82
C ASN A 352 3.81 -22.66 3.44
N ASP A 353 3.46 -21.55 2.80
CA ASP A 353 2.86 -21.60 1.47
C ASP A 353 3.96 -21.74 0.42
N VAL A 354 4.04 -22.92 -0.19
CA VAL A 354 5.06 -23.19 -1.20
C VAL A 354 4.87 -22.45 -2.53
N ASN A 355 3.70 -21.86 -2.75
CA ASN A 355 3.46 -21.13 -3.99
C ASN A 355 3.43 -19.61 -3.78
N ASP A 356 4.12 -19.12 -2.76
CA ASP A 356 4.14 -17.68 -2.49
C ASP A 356 4.94 -16.88 -3.52
N TRP A 357 5.56 -17.57 -4.46
CA TRP A 357 6.36 -16.94 -5.50
C TRP A 357 5.54 -16.61 -6.76
N VAL A 358 4.45 -17.34 -6.96
CA VAL A 358 3.61 -17.17 -8.13
C VAL A 358 3.32 -15.72 -8.54
N GLY A 359 3.64 -15.40 -9.79
CA GLY A 359 3.43 -14.06 -10.30
C GLY A 359 1.99 -13.80 -10.69
N PRO A 360 1.68 -12.64 -11.29
CA PRO A 360 0.32 -12.28 -11.71
C PRO A 360 -0.29 -13.19 -12.76
N PRO A 361 -1.62 -13.17 -12.90
CA PRO A 361 -2.34 -13.98 -13.89
C PRO A 361 -1.72 -13.74 -15.26
N ASN A 362 -1.45 -14.81 -16.01
CA ASN A 362 -0.78 -14.65 -17.29
C ASN A 362 -1.03 -15.77 -18.28
N ASN A 363 -0.66 -15.51 -19.53
CA ASN A 363 -0.76 -16.49 -20.60
C ASN A 363 0.64 -16.57 -21.18
N ASN A 364 1.36 -17.62 -20.81
CA ASN A 364 2.72 -17.82 -21.27
C ASN A 364 3.62 -16.66 -20.88
N GLY A 365 3.42 -16.12 -19.67
CA GLY A 365 4.24 -15.03 -19.20
C GLY A 365 3.65 -13.66 -19.45
N VAL A 366 2.68 -13.58 -20.36
CA VAL A 366 2.04 -12.31 -20.67
C VAL A 366 0.90 -12.05 -19.68
N ILE A 367 1.08 -11.05 -18.83
CA ILE A 367 0.09 -10.70 -17.83
C ILE A 367 -1.30 -10.54 -18.46
N LYS A 368 -2.31 -11.13 -17.84
CA LYS A 368 -3.67 -11.03 -18.35
C LYS A 368 -4.32 -9.68 -18.07
N GLU A 369 -5.17 -9.23 -18.98
CA GLU A 369 -5.87 -7.97 -18.81
C GLU A 369 -6.91 -8.12 -17.71
N VAL A 370 -7.29 -7.01 -17.09
CA VAL A 370 -8.29 -7.06 -16.07
C VAL A 370 -9.64 -6.98 -16.75
N THR A 371 -10.46 -8.00 -16.57
CA THR A 371 -11.78 -8.01 -17.17
C THR A 371 -12.80 -7.63 -16.11
N ILE A 372 -13.79 -6.84 -16.47
CA ILE A 372 -14.80 -6.42 -15.53
C ILE A 372 -16.07 -7.22 -15.72
N ASN A 373 -16.58 -7.81 -14.64
CA ASN A 373 -17.79 -8.58 -14.72
C ASN A 373 -18.98 -7.64 -14.59
N PRO A 374 -20.18 -8.09 -14.98
CA PRO A 374 -21.40 -7.28 -14.91
C PRO A 374 -21.77 -6.76 -13.52
N ASP A 375 -21.28 -7.43 -12.47
CA ASP A 375 -21.57 -7.00 -11.10
C ASP A 375 -20.47 -6.09 -10.55
N THR A 376 -19.57 -5.68 -11.44
CA THR A 376 -18.43 -4.81 -11.16
C THR A 376 -17.20 -5.51 -10.59
N THR A 377 -17.30 -6.82 -10.35
CA THR A 377 -16.16 -7.56 -9.84
C THR A 377 -15.20 -7.80 -11.01
N CYS A 378 -14.02 -8.34 -10.73
CA CYS A 378 -13.05 -8.60 -11.79
C CYS A 378 -12.91 -10.07 -12.14
N GLY A 379 -12.46 -10.31 -13.37
CA GLY A 379 -12.25 -11.66 -13.84
C GLY A 379 -10.75 -11.89 -14.00
N ASN A 380 -10.38 -12.98 -14.66
CA ASN A 380 -8.98 -13.33 -14.89
C ASN A 380 -8.14 -13.46 -13.62
N ASP A 381 -8.80 -13.82 -12.53
CA ASP A 381 -8.14 -14.02 -11.24
C ASP A 381 -7.70 -12.79 -10.47
N TRP A 382 -8.09 -11.61 -10.93
CA TRP A 382 -7.77 -10.41 -10.22
C TRP A 382 -8.83 -10.32 -9.13
N VAL A 383 -8.42 -10.14 -7.89
CA VAL A 383 -9.35 -10.06 -6.78
C VAL A 383 -10.09 -8.72 -6.69
N CYS A 384 -9.41 -7.64 -7.05
CA CYS A 384 -10.00 -6.31 -7.00
C CYS A 384 -10.71 -5.97 -5.72
N GLU A 385 -9.99 -6.01 -4.60
CA GLU A 385 -10.58 -5.67 -3.32
C GLU A 385 -11.13 -4.25 -3.31
N HIS A 386 -10.49 -3.36 -4.07
CA HIS A 386 -10.93 -1.97 -4.11
C HIS A 386 -12.31 -1.80 -4.71
N ARG A 387 -12.81 -2.83 -5.38
CA ARG A 387 -14.14 -2.77 -5.97
C ARG A 387 -15.21 -3.41 -5.07
N TRP A 388 -14.81 -4.05 -3.98
CA TRP A 388 -15.78 -4.65 -3.06
C TRP A 388 -16.61 -3.53 -2.47
N ARG A 389 -17.92 -3.65 -2.54
CA ARG A 389 -18.80 -2.61 -2.02
C ARG A 389 -18.35 -2.11 -0.67
N GLN A 390 -18.07 -3.04 0.23
CA GLN A 390 -17.65 -2.76 1.59
C GLN A 390 -16.39 -1.90 1.69
N ILE A 391 -15.44 -2.16 0.80
CA ILE A 391 -14.20 -1.43 0.81
C ILE A 391 -14.32 -0.10 0.05
N ARG A 392 -14.92 -0.15 -1.13
CA ARG A 392 -15.10 1.06 -1.90
C ARG A 392 -15.92 2.09 -1.11
N ASN A 393 -16.93 1.64 -0.40
CA ASN A 393 -17.74 2.58 0.35
C ASN A 393 -17.06 3.17 1.58
N MET A 394 -16.09 2.45 2.12
CA MET A 394 -15.38 2.97 3.28
C MET A 394 -14.30 3.95 2.77
N VAL A 395 -13.88 3.77 1.52
CA VAL A 395 -12.91 4.68 0.93
C VAL A 395 -13.63 6.04 0.85
N ILE A 396 -14.87 6.02 0.36
CA ILE A 396 -15.66 7.22 0.24
C ILE A 396 -15.95 7.79 1.63
N PHE A 397 -16.21 6.90 2.58
CA PHE A 397 -16.48 7.30 3.95
C PHE A 397 -15.32 8.16 4.50
N ARG A 398 -14.08 7.75 4.22
CA ARG A 398 -12.93 8.51 4.71
C ARG A 398 -12.89 9.90 4.09
N ASN A 399 -13.28 10.01 2.82
CA ASN A 399 -13.32 11.30 2.16
C ASN A 399 -14.33 12.23 2.83
N VAL A 400 -15.51 11.71 3.11
CA VAL A 400 -16.57 12.48 3.71
C VAL A 400 -16.25 13.00 5.12
N VAL A 401 -15.52 12.21 5.91
CA VAL A 401 -15.20 12.60 7.27
C VAL A 401 -13.82 13.20 7.46
N ASP A 402 -13.11 13.45 6.36
CA ASP A 402 -11.77 14.01 6.44
C ASP A 402 -11.68 15.27 7.28
N GLY A 403 -10.74 15.29 8.21
CA GLY A 403 -10.55 16.45 9.06
C GLY A 403 -11.38 16.41 10.33
N GLN A 404 -12.34 15.51 10.37
CA GLN A 404 -13.22 15.37 11.51
C GLN A 404 -12.56 14.65 12.68
N PRO A 405 -12.78 15.11 13.91
CA PRO A 405 -12.19 14.49 15.10
C PRO A 405 -12.72 13.12 15.46
N PHE A 406 -11.92 12.39 16.25
CA PHE A 406 -12.28 11.09 16.74
C PHE A 406 -13.15 11.35 17.97
N THR A 407 -14.40 10.90 17.94
CA THR A 407 -15.28 11.15 19.05
C THR A 407 -16.37 10.09 19.27
N ASN A 408 -17.13 10.26 20.36
CA ASN A 408 -18.22 9.37 20.72
C ASN A 408 -17.88 7.88 20.73
N TRP A 409 -16.78 7.53 21.38
CA TRP A 409 -16.35 6.14 21.46
C TRP A 409 -17.17 5.33 22.46
N TYR A 410 -17.46 4.09 22.09
CA TYR A 410 -18.20 3.17 22.94
C TYR A 410 -17.60 1.77 22.81
N ASP A 411 -17.55 1.03 23.91
CA ASP A 411 -17.09 -0.35 23.91
C ASP A 411 -17.74 -1.08 25.08
N ASN A 412 -17.94 -2.39 24.92
CA ASN A 412 -18.58 -3.21 25.95
C ASN A 412 -17.53 -3.95 26.78
N GLY A 413 -16.30 -3.50 26.73
CA GLY A 413 -15.24 -4.15 27.48
C GLY A 413 -14.76 -5.43 26.80
N SER A 414 -15.34 -5.73 25.64
CA SER A 414 -14.97 -6.91 24.90
C SER A 414 -14.67 -6.61 23.42
N ASN A 415 -15.50 -7.10 22.51
CA ASN A 415 -15.26 -6.86 21.09
C ASN A 415 -16.32 -6.10 20.29
N GLN A 416 -17.21 -5.40 20.97
CA GLN A 416 -18.17 -4.62 20.21
C GLN A 416 -17.95 -3.15 20.59
N VAL A 417 -17.45 -2.42 19.60
CA VAL A 417 -17.11 -1.02 19.77
C VAL A 417 -17.69 -0.13 18.68
N ALA A 418 -17.66 1.17 18.93
CA ALA A 418 -18.18 2.13 17.99
C ALA A 418 -17.58 3.50 18.27
N PHE A 419 -17.51 4.33 17.24
CA PHE A 419 -16.99 5.66 17.40
C PHE A 419 -17.46 6.53 16.24
N GLY A 420 -17.35 7.84 16.40
CA GLY A 420 -17.76 8.73 15.33
C GLY A 420 -16.64 9.65 14.91
N ARG A 421 -16.85 10.30 13.78
CA ARG A 421 -15.91 11.26 13.24
C ARG A 421 -16.69 12.56 13.19
N GLY A 422 -16.56 13.36 14.25
CA GLY A 422 -17.28 14.62 14.32
C GLY A 422 -18.76 14.36 14.10
N ASN A 423 -19.40 15.18 13.28
CA ASN A 423 -20.81 15.00 13.02
C ASN A 423 -21.00 14.61 11.56
N ARG A 424 -20.00 13.94 11.00
CA ARG A 424 -20.06 13.53 9.60
C ARG A 424 -20.11 12.01 9.40
N GLY A 425 -19.77 11.26 10.45
CA GLY A 425 -19.78 9.82 10.30
C GLY A 425 -19.79 9.03 11.59
N PHE A 426 -20.26 7.79 11.51
CA PHE A 426 -20.33 6.91 12.67
C PHE A 426 -20.16 5.47 12.18
N ILE A 427 -19.48 4.63 12.97
CA ILE A 427 -19.28 3.24 12.59
C ILE A 427 -19.37 2.34 13.82
N VAL A 428 -19.97 1.16 13.65
CA VAL A 428 -20.15 0.22 14.75
C VAL A 428 -19.65 -1.17 14.38
N PHE A 429 -18.94 -1.82 15.29
CA PHE A 429 -18.40 -3.15 15.04
C PHE A 429 -18.84 -4.18 16.07
N ASN A 430 -19.09 -5.40 15.63
CA ASN A 430 -19.44 -6.47 16.56
C ASN A 430 -18.57 -7.67 16.25
N ASN A 431 -17.53 -7.87 17.05
CA ASN A 431 -16.62 -8.99 16.84
C ASN A 431 -16.70 -9.97 18.02
N ASP A 432 -17.80 -9.93 18.76
CA ASP A 432 -17.99 -10.84 19.87
C ASP A 432 -18.79 -12.04 19.36
N ASP A 433 -18.88 -13.09 20.16
CA ASP A 433 -19.61 -14.26 19.73
C ASP A 433 -21.09 -14.20 20.13
N TRP A 434 -21.62 -12.99 20.23
CA TRP A 434 -23.02 -12.80 20.55
C TRP A 434 -23.51 -11.53 19.89
N SER A 435 -24.81 -11.40 19.72
CA SER A 435 -25.39 -10.24 19.06
C SER A 435 -25.24 -8.92 19.79
N PHE A 436 -25.34 -7.86 19.00
CA PHE A 436 -25.23 -6.51 19.50
C PHE A 436 -26.53 -5.76 19.14
N SER A 437 -27.18 -5.22 20.17
CA SER A 437 -28.41 -4.48 19.99
C SER A 437 -28.45 -3.38 21.05
N LEU A 438 -28.08 -2.17 20.66
CA LEU A 438 -28.04 -1.08 21.62
C LEU A 438 -28.23 0.27 20.96
N THR A 439 -28.62 1.25 21.77
CA THR A 439 -28.81 2.61 21.31
C THR A 439 -27.54 3.39 21.65
N LEU A 440 -26.90 3.96 20.62
CA LEU A 440 -25.68 4.72 20.80
C LEU A 440 -25.84 6.18 20.41
N GLN A 441 -25.02 7.03 21.00
CA GLN A 441 -25.03 8.43 20.65
C GLN A 441 -24.11 8.50 19.42
N THR A 442 -24.59 9.08 18.34
CA THR A 442 -23.81 9.16 17.12
C THR A 442 -23.23 10.53 16.82
N GLY A 443 -23.81 11.58 17.39
CA GLY A 443 -23.28 12.90 17.10
C GLY A 443 -23.69 13.35 15.70
N LEU A 444 -24.49 12.55 15.02
CA LEU A 444 -24.97 12.86 13.67
C LEU A 444 -26.31 13.61 13.73
N PRO A 445 -26.62 14.40 12.69
CA PRO A 445 -27.90 15.12 12.71
C PRO A 445 -29.07 14.16 12.45
N ALA A 446 -30.23 14.48 13.01
CA ALA A 446 -31.41 13.65 12.86
C ALA A 446 -31.69 13.31 11.40
N GLY A 447 -32.22 12.11 11.18
CA GLY A 447 -32.54 11.68 9.83
C GLY A 447 -32.42 10.19 9.62
N THR A 448 -32.63 9.77 8.38
CA THR A 448 -32.54 8.37 8.01
C THR A 448 -31.29 8.18 7.18
N TYR A 449 -30.42 7.28 7.63
CA TYR A 449 -29.17 7.02 6.94
C TYR A 449 -29.05 5.60 6.39
N CYS A 450 -28.48 5.50 5.20
CA CYS A 450 -28.26 4.21 4.59
C CYS A 450 -26.96 3.61 5.14
N ASP A 451 -26.99 2.34 5.51
CA ASP A 451 -25.78 1.67 5.98
C ASP A 451 -24.99 1.38 4.70
N VAL A 452 -23.79 1.92 4.59
CA VAL A 452 -22.98 1.72 3.39
C VAL A 452 -22.19 0.40 3.31
N ILE A 453 -22.30 -0.43 4.34
CA ILE A 453 -21.61 -1.72 4.32
C ILE A 453 -22.51 -2.78 3.67
N SER A 454 -23.75 -2.86 4.13
CA SER A 454 -24.71 -3.83 3.61
C SER A 454 -25.38 -3.36 2.31
N GLY A 455 -25.36 -2.07 2.04
CA GLY A 455 -25.98 -1.58 0.82
C GLY A 455 -25.43 -0.27 0.29
N ASP A 456 -26.26 0.43 -0.48
CA ASP A 456 -25.88 1.70 -1.09
C ASP A 456 -27.07 2.63 -1.07
N LYS A 457 -26.81 3.93 -1.17
CA LYS A 457 -27.90 4.85 -1.25
C LYS A 457 -28.06 4.94 -2.75
N ILE A 458 -29.27 4.69 -3.24
CA ILE A 458 -29.49 4.76 -4.65
C ILE A 458 -30.79 5.49 -4.88
N ASN A 459 -30.67 6.78 -5.18
CA ASN A 459 -31.78 7.67 -5.43
C ASN A 459 -32.94 7.62 -4.43
N GLY A 460 -32.80 8.37 -3.35
CA GLY A 460 -33.85 8.44 -2.34
C GLY A 460 -34.15 7.18 -1.56
N ASN A 461 -33.35 6.13 -1.75
CA ASN A 461 -33.57 4.88 -1.04
C ASN A 461 -32.27 4.11 -0.75
N CYS A 462 -32.36 3.22 0.24
CA CYS A 462 -31.23 2.39 0.64
C CYS A 462 -31.45 0.96 0.16
N THR A 463 -30.40 0.31 -0.31
CA THR A 463 -30.52 -1.07 -0.77
C THR A 463 -30.23 -2.02 0.38
N GLY A 464 -29.73 -1.49 1.50
CA GLY A 464 -29.43 -2.31 2.64
C GLY A 464 -30.06 -1.82 3.93
N ILE A 465 -29.38 -2.04 5.06
CA ILE A 465 -29.87 -1.62 6.35
C ILE A 465 -30.06 -0.11 6.40
N LYS A 466 -31.03 0.33 7.19
CA LYS A 466 -31.32 1.74 7.36
C LYS A 466 -31.24 2.09 8.84
N ILE A 467 -30.61 3.21 9.16
CA ILE A 467 -30.49 3.63 10.52
C ILE A 467 -31.22 4.95 10.70
N TYR A 468 -31.92 5.10 11.82
CA TYR A 468 -32.66 6.30 12.10
C TYR A 468 -32.04 7.04 13.27
N VAL A 469 -31.59 8.27 13.02
CA VAL A 469 -30.99 9.08 14.06
C VAL A 469 -32.04 10.06 14.58
N SER A 470 -32.20 10.12 15.90
CA SER A 470 -33.19 11.01 16.49
C SER A 470 -32.65 12.42 16.69
N ASP A 471 -33.48 13.28 17.27
CA ASP A 471 -33.12 14.67 17.51
C ASP A 471 -31.88 14.85 18.39
N ASP A 472 -31.70 13.98 19.37
CA ASP A 472 -30.54 14.10 20.26
C ASP A 472 -29.32 13.34 19.72
N GLY A 473 -29.38 12.94 18.46
CA GLY A 473 -28.27 12.24 17.86
C GLY A 473 -28.16 10.76 18.20
N LYS A 474 -29.11 10.24 18.96
CA LYS A 474 -29.08 8.83 19.33
C LYS A 474 -29.65 7.96 18.21
N ALA A 475 -29.22 6.71 18.17
CA ALA A 475 -29.68 5.77 17.15
C ALA A 475 -29.50 4.34 17.64
N HIS A 476 -30.36 3.44 17.16
CA HIS A 476 -30.28 2.05 17.57
C HIS A 476 -29.59 1.20 16.52
N PHE A 477 -28.68 0.34 16.96
CA PHE A 477 -27.97 -0.53 16.03
C PHE A 477 -28.14 -1.98 16.43
N SER A 478 -28.29 -2.85 15.45
CA SER A 478 -28.44 -4.27 15.69
C SER A 478 -27.57 -5.06 14.73
N ILE A 479 -26.58 -5.75 15.27
CA ILE A 479 -25.68 -6.56 14.47
C ILE A 479 -25.55 -7.90 15.15
N SER A 480 -25.98 -8.96 14.47
CA SER A 480 -25.87 -10.28 15.05
C SER A 480 -24.50 -10.79 14.65
N ASN A 481 -23.86 -11.56 15.53
CA ASN A 481 -22.55 -12.09 15.23
C ASN A 481 -22.58 -13.03 14.04
N SER A 482 -23.76 -13.16 13.42
CA SER A 482 -23.93 -14.01 12.26
C SER A 482 -24.05 -13.24 10.95
N ALA A 483 -24.07 -11.91 11.03
CA ALA A 483 -24.18 -11.07 9.84
C ALA A 483 -23.02 -11.32 8.89
N GLU A 484 -23.26 -11.19 7.58
CA GLU A 484 -22.21 -11.39 6.60
C GLU A 484 -21.06 -10.43 6.91
N ASP A 485 -21.43 -9.18 7.24
CA ASP A 485 -20.47 -8.16 7.60
C ASP A 485 -20.90 -7.63 8.96
N PRO A 486 -20.21 -8.06 10.03
CA PRO A 486 -20.53 -7.65 11.39
C PRO A 486 -20.28 -6.20 11.81
N PHE A 487 -20.46 -5.26 10.88
CA PHE A 487 -20.30 -3.85 11.22
C PHE A 487 -21.15 -2.96 10.33
N ILE A 488 -21.53 -1.80 10.85
CA ILE A 488 -22.38 -0.82 10.15
C ILE A 488 -21.70 0.54 10.12
N ALA A 489 -21.76 1.22 8.98
CA ALA A 489 -21.17 2.54 8.85
C ALA A 489 -22.11 3.47 8.11
N ILE A 490 -22.34 4.66 8.66
CA ILE A 490 -23.20 5.65 8.05
C ILE A 490 -22.49 6.99 8.06
N HIS A 491 -22.71 7.81 7.03
CA HIS A 491 -22.06 9.11 6.99
C HIS A 491 -22.93 10.19 6.34
N ALA A 492 -22.51 11.43 6.51
CA ALA A 492 -23.22 12.59 5.98
C ALA A 492 -23.75 12.42 4.56
N GLU A 493 -23.03 11.70 3.70
CA GLU A 493 -23.49 11.53 2.34
C GLU A 493 -24.33 10.28 2.08
N SER A 494 -24.66 9.53 3.13
CA SER A 494 -25.49 8.35 2.93
C SER A 494 -26.86 8.65 3.56
N LYS A 495 -27.03 9.90 3.98
CA LYS A 495 -28.26 10.39 4.58
C LYS A 495 -29.32 10.55 3.50
N LEU A 496 -30.57 10.19 3.83
CA LEU A 496 -31.66 10.30 2.87
C LEU A 496 -32.27 11.70 2.93
C1 NAG B . -38.13 4.52 -2.61
C2 NAG B . -38.76 5.52 -3.62
C3 NAG B . -40.29 5.47 -3.48
C4 NAG B . -40.82 4.07 -3.74
C5 NAG B . -40.13 3.04 -2.79
C6 NAG B . -40.44 1.58 -3.12
C7 NAG B . -37.45 7.50 -4.23
C8 NAG B . -37.10 8.89 -3.79
N2 NAG B . -38.28 6.89 -3.37
O3 NAG B . -40.91 6.40 -4.40
O4 NAG B . -42.23 4.03 -3.47
O5 NAG B . -38.65 3.22 -2.88
O6 NAG B . -39.77 0.71 -2.20
O7 NAG B . -37.03 7.01 -5.28
CA CA C . 22.29 -0.80 0.78
N NO3 D . 5.47 -1.14 1.49
O1 NO3 D . 6.53 -1.34 2.05
O2 NO3 D . 5.18 -0.01 1.12
O3 NO3 D . 4.70 -2.07 1.29
#